data_1A02
#
_entry.id   1A02
#
_cell.length_a   64.660
_cell.length_b   85.460
_cell.length_c   83.370
_cell.angle_alpha   90.00
_cell.angle_beta   112.03
_cell.angle_gamma   90.00
#
_symmetry.space_group_name_H-M   'P 1 21 1'
#
loop_
_entity.id
_entity.type
_entity.pdbx_description
1 polymer "DNA (5'-D(*DTP*DTP*DGP*DGP*DAP*DAP*DAP*DAP*DTP*DTP*DTP*DGP*DTP*DTP*DTP*DCP*DAP*DTP*DAP*DG)-3')"
2 polymer "DNA (5'-D(*DAP*DAP*DCP*DTP*DAP*DTP*DGP*DAP*DAP*DAP*DCP*DAP*DAP*DAP*DTP*DTP*DTP*DTP*DCP*DC)-3')"
3 polymer 'NUCLEAR FACTOR OF ACTIVATED T CELLS'
4 polymer 'AP-1 FRAGMENT FOS'
5 polymer 'AP-1 FRAGMENT JUN'
6 water water
#
loop_
_entity_poly.entity_id
_entity_poly.type
_entity_poly.pdbx_seq_one_letter_code
_entity_poly.pdbx_strand_id
1 'polydeoxyribonucleotide' (DT)(DT)(DG)(DG)(DA)(DA)(DA)(DA)(DT)(DT)(DT)(DG)(DT)(DT)(DT)(DC)(DA)(DT)(DA)(DG) A
2 'polydeoxyribonucleotide' (DA)(DA)(DC)(DT)(DA)(DT)(DG)(DA)(DA)(DA)(DC)(DA)(DA)(DA)(DT)(DT)(DT)(DT)(DC)(DC) B
3 'polypeptide(L)'
;MRGSHHHHHHTDPHASSVPLEWPLSSQSGSYELRIEVQPKPHHRAHYETEGSRGAVKAPTGGHPVVQLHGYMENKPLGLQ
IFIGTADERILKPHAFYQVHRITGKTVTTTSYEKIVGNTKVLEIPLEPKNNMRATIDCAGILKLRNADIELRKGETDIGR
KNTRVRLVFRVHIPESSGRIVSLQTASNPIECSQRSAHELPMVERQDTDSCLVYGGQQMILTGQNFTSESKVVFTEKTTD
GQQIWEMEATVDKDKSQPNMLFVEIPEYRNKHIRTPVKVNFYVINGKRKRSQPQHFTYHPV
;
N
4 'polypeptide(L)' MKRRIRRERNKMAAAKSRNRRRELTDTLQAETDQLEDEKSALQTEIANLLKEKEKL F
5 'polypeptide(L)' MKAERKRMRNRIAASKSRKRKLERIARLEEKVKTLKAQNSELASTANMLREQVAQL J
#
loop_
_chem_comp.id
_chem_comp.type
_chem_comp.name
_chem_comp.formula
DA DNA linking 2'-DEOXYADENOSINE-5'-MONOPHOSPHATE 'C10 H14 N5 O6 P'
DC DNA linking 2'-DEOXYCYTIDINE-5'-MONOPHOSPHATE 'C9 H14 N3 O7 P'
DG DNA linking 2'-DEOXYGUANOSINE-5'-MONOPHOSPHATE 'C10 H14 N5 O7 P'
DT DNA linking THYMIDINE-5'-MONOPHOSPHATE 'C10 H15 N2 O8 P'
#
# COMPACT_ATOMS: atom_id res chain seq x y z
N TRP C 22 12.08 3.06 -8.11
CA TRP C 22 11.88 4.51 -8.38
C TRP C 22 10.58 4.94 -7.73
N PRO C 23 10.61 6.10 -7.04
CA PRO C 23 9.40 6.59 -6.39
C PRO C 23 8.51 7.35 -7.40
N LEU C 24 9.08 7.79 -8.54
CA LEU C 24 8.33 8.54 -9.59
C LEU C 24 7.20 7.68 -10.15
N SER C 25 6.09 8.29 -10.49
CA SER C 25 4.95 7.56 -11.03
C SER C 25 5.19 7.04 -12.45
N SER C 26 4.48 5.99 -12.83
CA SER C 26 4.55 5.37 -14.16
C SER C 26 3.20 4.70 -14.22
N GLN C 27 2.69 4.37 -15.39
CA GLN C 27 1.39 3.72 -15.45
C GLN C 27 1.41 2.66 -16.54
N SER C 28 0.37 1.82 -16.57
CA SER C 28 0.21 0.77 -17.58
C SER C 28 0.37 1.46 -18.93
N GLY C 29 1.55 1.31 -19.51
CA GLY C 29 1.87 1.97 -20.77
C GLY C 29 0.91 1.70 -21.92
N SER C 30 1.22 2.31 -23.06
CA SER C 30 0.41 2.15 -24.27
C SER C 30 0.44 0.70 -24.78
N TYR C 31 1.30 -0.07 -24.15
CA TYR C 31 1.48 -1.50 -24.49
C TYR C 31 0.69 -2.36 -23.50
N GLU C 32 0.54 -1.79 -22.32
CA GLU C 32 -0.22 -2.39 -21.21
C GLU C 32 0.52 -3.59 -20.59
N LEU C 33 1.32 -3.27 -19.59
CA LEU C 33 2.03 -4.27 -18.78
C LEU C 33 0.96 -4.83 -17.85
N ARG C 34 0.79 -6.14 -17.85
CA ARG C 34 -0.29 -6.70 -17.05
C ARG C 34 0.11 -7.86 -16.15
N ILE C 35 -0.45 -7.87 -14.94
CA ILE C 35 -0.19 -8.93 -13.97
C ILE C 35 -1.21 -9.99 -14.40
N GLU C 36 -0.72 -11.14 -14.84
CA GLU C 36 -1.57 -12.24 -15.32
C GLU C 36 -2.00 -13.17 -14.19
N VAL C 37 -1.04 -13.62 -13.41
CA VAL C 37 -1.30 -14.52 -12.28
C VAL C 37 -0.87 -13.80 -10.99
N GLN C 38 -1.87 -13.30 -10.25
CA GLN C 38 -1.64 -12.59 -8.97
C GLN C 38 -1.02 -13.52 -7.95
N PRO C 39 -0.04 -13.02 -7.18
CA PRO C 39 0.56 -13.92 -6.19
C PRO C 39 -0.43 -14.25 -5.07
N LYS C 40 0.02 -15.06 -4.13
CA LYS C 40 -0.83 -15.42 -3.02
C LYS C 40 -0.85 -14.26 -2.01
N PRO C 41 -2.00 -14.07 -1.33
CA PRO C 41 -2.30 -13.04 -0.31
C PRO C 41 -1.36 -12.98 0.89
N HIS C 42 -0.61 -14.06 1.15
CA HIS C 42 0.34 -14.13 2.27
C HIS C 42 1.63 -14.77 1.82
N HIS C 43 2.75 -14.32 2.35
CA HIS C 43 4.04 -14.89 1.99
C HIS C 43 4.98 -14.48 3.09
N ARG C 44 5.01 -15.27 4.14
CA ARG C 44 5.88 -14.97 5.24
C ARG C 44 7.33 -14.76 4.77
N ALA C 45 7.83 -13.54 4.89
CA ALA C 45 9.19 -13.21 4.49
C ALA C 45 10.22 -13.76 5.47
N HIS C 46 11.48 -13.79 5.07
CA HIS C 46 12.50 -14.31 5.96
C HIS C 46 13.45 -13.21 6.35
N TYR C 47 14.21 -13.45 7.39
CA TYR C 47 15.17 -12.48 7.89
C TYR C 47 16.52 -12.88 7.36
N GLU C 48 17.51 -12.03 7.60
CA GLU C 48 18.88 -12.27 7.18
C GLU C 48 19.49 -13.22 8.21
N THR C 49 18.73 -13.52 9.26
CA THR C 49 19.14 -14.42 10.35
C THR C 49 18.54 -15.80 10.05
N GLU C 50 18.05 -15.96 8.82
CA GLU C 50 17.44 -17.22 8.44
C GLU C 50 17.87 -17.61 7.05
N GLY C 51 17.26 -18.68 6.56
CA GLY C 51 17.51 -19.14 5.21
C GLY C 51 16.28 -18.79 4.41
N SER C 52 16.47 -18.53 3.12
CA SER C 52 15.38 -18.19 2.23
C SER C 52 14.13 -19.05 2.40
N ARG C 53 12.98 -18.41 2.55
CA ARG C 53 11.73 -19.14 2.69
C ARG C 53 11.14 -19.34 1.29
N GLY C 54 11.98 -19.04 0.30
CA GLY C 54 11.58 -19.22 -1.09
C GLY C 54 10.84 -18.13 -1.83
N ALA C 55 10.48 -18.45 -3.08
CA ALA C 55 9.81 -17.50 -3.95
C ALA C 55 8.31 -17.40 -3.72
N VAL C 56 7.78 -16.23 -4.07
CA VAL C 56 6.37 -15.96 -3.93
C VAL C 56 5.62 -16.93 -4.85
N LYS C 57 4.45 -17.37 -4.43
CA LYS C 57 3.69 -18.30 -5.22
C LYS C 57 2.33 -17.73 -5.53
N ALA C 58 1.55 -18.49 -6.29
CA ALA C 58 0.21 -18.07 -6.68
C ALA C 58 -0.74 -19.02 -6.00
N PRO C 59 -1.99 -18.60 -5.79
CA PRO C 59 -3.00 -19.43 -5.14
C PRO C 59 -3.26 -20.78 -5.80
N THR C 60 -2.79 -20.95 -7.03
CA THR C 60 -2.99 -22.20 -7.77
C THR C 60 -1.93 -23.23 -7.38
N GLY C 61 -0.95 -22.79 -6.63
CA GLY C 61 0.14 -23.67 -6.26
C GLY C 61 1.25 -23.27 -7.22
N GLY C 62 0.88 -22.51 -8.25
CA GLY C 62 1.86 -22.06 -9.21
C GLY C 62 2.70 -20.88 -8.73
N HIS C 63 3.07 -20.02 -9.68
CA HIS C 63 3.85 -18.82 -9.40
C HIS C 63 3.21 -17.62 -10.09
N PRO C 64 3.48 -16.39 -9.60
CA PRO C 64 2.86 -15.25 -10.27
C PRO C 64 3.38 -15.08 -11.71
N VAL C 65 2.51 -14.63 -12.60
CA VAL C 65 2.84 -14.43 -14.01
C VAL C 65 2.49 -13.03 -14.53
N VAL C 66 3.45 -12.41 -15.23
CA VAL C 66 3.32 -11.06 -15.78
C VAL C 66 3.52 -11.02 -17.30
N GLN C 67 2.93 -10.02 -17.97
CA GLN C 67 3.04 -9.94 -19.43
C GLN C 67 2.75 -8.58 -20.08
N LEU C 68 3.62 -8.22 -21.05
CA LEU C 68 3.52 -6.99 -21.85
C LEU C 68 2.60 -7.40 -23.00
N HIS C 69 1.44 -6.76 -23.15
CA HIS C 69 0.51 -7.19 -24.20
C HIS C 69 0.65 -6.87 -25.70
N GLY C 70 0.81 -5.61 -26.07
CA GLY C 70 0.94 -5.29 -27.50
C GLY C 70 2.34 -4.92 -28.00
N TYR C 71 3.33 -5.78 -27.79
CA TYR C 71 4.70 -5.49 -28.24
C TYR C 71 5.07 -6.19 -29.55
N MET C 72 4.58 -5.68 -30.67
CA MET C 72 4.87 -6.27 -31.96
C MET C 72 6.32 -5.93 -32.34
N GLU C 73 7.26 -6.80 -31.95
CA GLU C 73 8.68 -6.64 -32.23
C GLU C 73 9.31 -7.99 -32.03
N ASN C 74 10.64 -8.05 -32.12
CA ASN C 74 11.33 -9.31 -31.91
C ASN C 74 12.69 -9.06 -31.25
N LYS C 75 12.63 -8.36 -30.13
CA LYS C 75 13.80 -8.05 -29.34
C LYS C 75 13.42 -8.37 -27.87
N PRO C 76 14.30 -9.07 -27.13
CA PRO C 76 13.99 -9.42 -25.72
C PRO C 76 14.14 -8.24 -24.73
N LEU C 77 13.04 -7.91 -24.06
CA LEU C 77 13.04 -6.83 -23.08
C LEU C 77 13.57 -7.34 -21.74
N GLY C 78 13.50 -6.49 -20.72
CA GLY C 78 13.95 -6.87 -19.39
C GLY C 78 12.93 -6.35 -18.39
N LEU C 79 12.34 -7.25 -17.60
CA LEU C 79 11.35 -6.91 -16.56
C LEU C 79 12.08 -6.64 -15.25
N GLN C 80 11.84 -5.47 -14.66
CA GLN C 80 12.45 -5.11 -13.40
C GLN C 80 11.48 -5.46 -12.30
N ILE C 81 12.01 -5.86 -11.15
CA ILE C 81 11.17 -6.22 -10.02
C ILE C 81 11.75 -5.66 -8.75
N PHE C 82 10.90 -5.08 -7.92
CA PHE C 82 11.31 -4.56 -6.62
C PHE C 82 10.08 -4.72 -5.74
N ILE C 83 10.29 -4.70 -4.42
CA ILE C 83 9.19 -4.84 -3.50
C ILE C 83 8.69 -3.47 -3.10
N GLY C 84 7.40 -3.24 -3.34
CA GLY C 84 6.81 -1.96 -3.01
C GLY C 84 5.76 -2.07 -1.92
N THR C 85 5.41 -0.91 -1.43
CA THR C 85 4.42 -0.76 -0.38
C THR C 85 3.07 -1.25 -0.89
N ALA C 86 2.11 -1.00 -0.06
CA ALA C 86 0.73 -1.37 -0.30
C ALA C 86 -0.11 -0.48 0.59
N ASP C 87 -1.18 -1.02 1.07
CA ASP C 87 -2.06 -0.26 1.93
C ASP C 87 -2.56 0.99 1.17
N GLU C 88 -3.06 1.95 1.92
CA GLU C 88 -3.66 3.17 1.35
C GLU C 88 -2.61 4.26 1.16
N ARG C 89 -1.67 4.00 0.27
CA ARG C 89 -0.60 4.95 0.03
C ARG C 89 -0.28 5.06 -1.45
N ILE C 90 0.55 6.05 -1.78
CA ILE C 90 1.01 6.27 -3.14
C ILE C 90 2.16 5.26 -3.20
N LEU C 91 2.11 4.38 -4.20
CA LEU C 91 3.10 3.33 -4.38
C LEU C 91 4.53 3.82 -4.27
N LYS C 92 5.39 3.03 -3.65
CA LYS C 92 6.79 3.40 -3.49
C LYS C 92 7.57 2.19 -2.98
N PRO C 93 8.89 2.19 -3.15
CA PRO C 93 9.67 1.04 -2.67
C PRO C 93 9.57 0.91 -1.16
N HIS C 94 9.24 -0.27 -0.67
CA HIS C 94 9.16 -0.48 0.77
C HIS C 94 10.54 -0.31 1.35
N ALA C 95 10.62 0.15 2.59
CA ALA C 95 11.92 0.35 3.19
C ALA C 95 12.24 -0.82 4.12
N PHE C 96 11.21 -1.57 4.48
CA PHE C 96 11.42 -2.69 5.40
C PHE C 96 11.53 -4.03 4.72
N TYR C 97 11.16 -4.10 3.45
CA TYR C 97 11.23 -5.34 2.68
C TYR C 97 12.07 -5.19 1.41
N GLN C 98 12.59 -6.30 0.91
CA GLN C 98 13.43 -6.30 -0.29
C GLN C 98 13.15 -7.57 -1.09
N VAL C 99 13.37 -7.54 -2.40
CA VAL C 99 13.20 -8.75 -3.23
C VAL C 99 14.40 -9.59 -2.95
N HIS C 100 14.18 -10.89 -2.94
CA HIS C 100 15.25 -11.81 -2.72
C HIS C 100 15.34 -12.62 -3.99
N ARG C 101 16.54 -12.69 -4.56
CA ARG C 101 16.78 -13.44 -5.78
C ARG C 101 16.74 -14.91 -5.35
N ILE C 102 15.55 -15.51 -5.44
CA ILE C 102 15.40 -16.91 -5.07
C ILE C 102 16.25 -17.67 -6.07
N THR C 103 17.32 -18.27 -5.57
CA THR C 103 18.29 -19.04 -6.36
C THR C 103 17.70 -20.13 -7.26
N GLY C 104 16.38 -20.29 -7.22
CA GLY C 104 15.71 -21.28 -8.04
C GLY C 104 15.63 -22.66 -7.43
N LYS C 105 14.89 -23.55 -8.10
CA LYS C 105 14.71 -24.92 -7.65
C LYS C 105 15.45 -25.83 -8.63
N THR C 106 15.12 -27.12 -8.61
CA THR C 106 15.74 -28.09 -9.51
C THR C 106 15.68 -27.63 -10.97
N VAL C 107 14.66 -26.84 -11.28
CA VAL C 107 14.48 -26.32 -12.62
C VAL C 107 14.12 -24.83 -12.54
N THR C 108 15.15 -23.99 -12.37
CA THR C 108 14.96 -22.56 -12.29
C THR C 108 14.47 -22.04 -13.63
N THR C 109 13.20 -21.66 -13.68
CA THR C 109 12.62 -21.16 -14.92
C THR C 109 13.17 -19.79 -15.34
N THR C 110 13.17 -18.82 -14.42
CA THR C 110 13.63 -17.47 -14.75
C THR C 110 15.01 -17.04 -14.24
N SER C 111 15.78 -16.36 -15.10
CA SER C 111 17.11 -15.85 -14.74
C SER C 111 16.97 -14.51 -14.04
N TYR C 112 18.02 -14.07 -13.36
CA TYR C 112 17.94 -12.82 -12.61
C TYR C 112 19.22 -11.98 -12.65
N GLU C 113 19.05 -10.69 -12.36
CA GLU C 113 20.14 -9.74 -12.28
C GLU C 113 19.81 -9.03 -10.96
N LYS C 114 20.81 -8.76 -10.14
CA LYS C 114 20.55 -8.14 -8.87
C LYS C 114 21.22 -6.77 -8.70
N ILE C 115 20.42 -5.70 -8.75
CA ILE C 115 20.90 -4.33 -8.59
C ILE C 115 20.30 -3.66 -7.35
N VAL C 116 20.88 -2.52 -7.00
CA VAL C 116 20.48 -1.74 -5.81
C VAL C 116 20.26 -0.26 -6.12
N GLY C 117 20.20 0.46 -5.02
CA GLY C 117 19.95 1.91 -4.96
C GLY C 117 19.20 2.17 -3.65
N ASN C 118 19.63 1.37 -2.68
CA ASN C 118 19.08 1.33 -1.32
C ASN C 118 17.90 0.35 -1.26
N THR C 119 17.50 -0.09 -2.44
CA THR C 119 16.40 -1.08 -2.63
C THR C 119 16.73 -1.98 -3.81
N LYS C 120 16.77 -3.26 -3.50
CA LYS C 120 17.10 -4.29 -4.49
C LYS C 120 16.09 -4.29 -5.64
N VAL C 121 16.62 -4.51 -6.83
CA VAL C 121 15.81 -4.60 -8.05
C VAL C 121 16.25 -5.82 -8.88
N LEU C 122 15.27 -6.66 -9.19
CA LEU C 122 15.47 -7.86 -9.97
C LEU C 122 15.15 -7.62 -11.42
N GLU C 123 16.10 -8.00 -12.27
CA GLU C 123 15.98 -7.88 -13.72
C GLU C 123 15.83 -9.31 -14.29
N ILE C 124 14.72 -9.56 -14.98
CA ILE C 124 14.47 -10.87 -15.58
C ILE C 124 14.00 -10.64 -17.00
N PRO C 125 14.52 -11.42 -17.97
CA PRO C 125 14.13 -11.28 -19.39
C PRO C 125 12.64 -11.43 -19.79
N LEU C 126 12.23 -10.72 -20.84
CA LEU C 126 10.88 -10.81 -21.38
C LEU C 126 11.08 -11.24 -22.83
N GLU C 127 11.07 -12.56 -23.05
CA GLU C 127 11.30 -13.16 -24.35
C GLU C 127 10.16 -13.06 -25.35
N PRO C 128 10.49 -12.64 -26.59
CA PRO C 128 9.51 -12.50 -27.68
C PRO C 128 9.05 -13.92 -28.06
N LYS C 129 9.95 -14.88 -27.78
CA LYS C 129 9.77 -16.31 -28.01
C LYS C 129 8.67 -16.84 -27.09
N ASN C 130 8.72 -16.37 -25.84
CA ASN C 130 7.76 -16.74 -24.81
C ASN C 130 6.51 -15.87 -24.82
N ASN C 131 6.24 -15.21 -25.94
CA ASN C 131 5.08 -14.35 -26.05
C ASN C 131 5.23 -13.15 -25.08
N MET C 132 6.46 -12.64 -24.97
CA MET C 132 6.78 -11.51 -24.08
C MET C 132 6.16 -11.69 -22.67
N ARG C 133 6.12 -12.94 -22.22
CA ARG C 133 5.57 -13.32 -20.92
C ARG C 133 6.68 -13.73 -19.95
N ALA C 134 6.37 -13.71 -18.66
CA ALA C 134 7.34 -14.06 -17.62
C ALA C 134 6.72 -14.64 -16.33
N THR C 135 7.28 -15.78 -15.91
CA THR C 135 6.85 -16.46 -14.69
C THR C 135 7.81 -16.02 -13.59
N ILE C 136 7.26 -15.51 -12.48
CA ILE C 136 8.10 -15.05 -11.38
C ILE C 136 8.25 -16.17 -10.36
N ASP C 137 9.47 -16.69 -10.27
CA ASP C 137 9.79 -17.78 -9.37
C ASP C 137 11.20 -17.62 -8.84
N CYS C 138 11.79 -16.47 -9.19
CA CYS C 138 13.14 -16.09 -8.78
C CYS C 138 13.00 -14.96 -7.76
N ALA C 139 11.75 -14.68 -7.39
CA ALA C 139 11.46 -13.58 -6.48
C ALA C 139 10.92 -14.00 -5.13
N GLY C 140 11.71 -13.74 -4.10
CA GLY C 140 11.34 -14.04 -2.73
C GLY C 140 11.31 -12.71 -1.98
N ILE C 141 10.97 -12.73 -0.70
CA ILE C 141 10.90 -11.48 0.07
C ILE C 141 11.68 -11.51 1.36
N LEU C 142 12.65 -10.60 1.47
CA LEU C 142 13.47 -10.47 2.67
C LEU C 142 12.91 -9.33 3.52
N LYS C 143 12.96 -9.50 4.84
CA LYS C 143 12.47 -8.48 5.75
C LYS C 143 13.66 -7.93 6.52
N LEU C 144 13.75 -6.61 6.58
CA LEU C 144 14.83 -5.94 7.29
C LEU C 144 14.31 -5.61 8.70
N ARG C 145 15.23 -5.44 9.64
CA ARG C 145 14.91 -5.12 11.02
C ARG C 145 14.48 -3.68 11.13
N ASN C 146 13.33 -3.47 11.76
CA ASN C 146 12.76 -2.15 11.93
C ASN C 146 13.76 -1.18 12.51
N ALA C 147 14.31 -1.54 13.64
CA ALA C 147 15.28 -0.69 14.32
C ALA C 147 16.44 -0.22 13.46
N ASP C 148 16.68 -0.89 12.35
CA ASP C 148 17.77 -0.53 11.44
C ASP C 148 17.33 0.52 10.43
N ILE C 149 16.09 0.39 10.00
CA ILE C 149 15.51 1.28 9.01
C ILE C 149 15.16 2.63 9.61
N GLU C 150 14.35 2.62 10.65
CA GLU C 150 13.91 3.85 11.32
C GLU C 150 15.11 4.65 11.82
N LEU C 151 16.23 3.97 12.01
CA LEU C 151 17.46 4.59 12.48
C LEU C 151 17.88 5.67 11.48
N ARG C 152 17.80 5.35 10.20
CA ARG C 152 18.22 6.30 9.17
C ARG C 152 17.35 7.53 8.99
N LYS C 153 18.04 8.67 8.90
CA LYS C 153 17.40 9.97 8.73
C LYS C 153 16.68 10.07 7.39
N GLY C 154 15.45 10.59 7.44
CA GLY C 154 14.65 10.74 6.24
C GLY C 154 13.39 9.90 6.35
N GLU C 155 13.51 8.79 7.09
CA GLU C 155 12.42 7.87 7.29
C GLU C 155 11.43 8.35 8.33
N THR C 156 10.16 8.35 7.97
CA THR C 156 9.11 8.78 8.88
C THR C 156 8.14 7.63 9.13
N ASP C 157 8.34 6.55 8.37
CA ASP C 157 7.50 5.38 8.52
C ASP C 157 7.97 4.49 9.64
N ILE C 158 7.02 3.80 10.24
CA ILE C 158 7.40 2.88 11.29
C ILE C 158 7.27 1.46 10.74
N GLY C 159 8.05 0.55 11.28
CA GLY C 159 7.98 -0.82 10.82
C GLY C 159 6.84 -1.50 11.55
N ARG C 160 6.69 -1.15 12.82
CA ARG C 160 5.66 -1.74 13.65
C ARG C 160 4.33 -1.89 12.91
N LYS C 161 4.01 -3.13 12.54
CA LYS C 161 2.76 -3.46 11.85
C LYS C 161 2.60 -3.05 10.40
N ASN C 162 3.67 -2.52 9.81
CA ASN C 162 3.64 -2.11 8.42
C ASN C 162 4.21 -3.33 7.72
N THR C 163 3.43 -4.40 7.68
CA THR C 163 3.91 -5.63 7.09
C THR C 163 3.32 -6.11 5.75
N ARG C 164 2.46 -5.32 5.11
CA ARG C 164 1.93 -5.70 3.80
C ARG C 164 2.87 -5.17 2.70
N VAL C 165 2.77 -5.79 1.53
CA VAL C 165 3.64 -5.48 0.40
C VAL C 165 2.95 -5.63 -0.97
N ARG C 166 3.62 -5.17 -2.00
CA ARG C 166 3.13 -5.32 -3.36
C ARG C 166 4.35 -5.59 -4.22
N LEU C 167 4.21 -6.56 -5.11
CA LEU C 167 5.28 -6.88 -6.05
C LEU C 167 5.09 -5.82 -7.15
N VAL C 168 6.15 -5.06 -7.45
CA VAL C 168 6.06 -4.03 -8.48
C VAL C 168 6.95 -4.40 -9.66
N PHE C 169 6.37 -4.41 -10.86
CA PHE C 169 7.12 -4.72 -12.09
C PHE C 169 7.18 -3.54 -13.04
N ARG C 170 8.30 -3.44 -13.76
CA ARG C 170 8.52 -2.37 -14.72
C ARG C 170 9.15 -2.79 -16.05
N VAL C 171 8.89 -1.97 -17.07
CA VAL C 171 9.45 -2.15 -18.42
C VAL C 171 9.81 -0.80 -19.00
N HIS C 172 10.83 -0.80 -19.83
CA HIS C 172 11.31 0.41 -20.48
C HIS C 172 11.39 0.08 -21.95
N ILE C 173 10.26 0.24 -22.63
CA ILE C 173 10.14 -0.06 -24.05
C ILE C 173 10.82 0.93 -24.99
N PRO C 174 11.90 0.50 -25.67
CA PRO C 174 12.64 1.35 -26.60
C PRO C 174 11.79 1.47 -27.87
N GLU C 175 11.79 2.66 -28.47
CA GLU C 175 11.02 2.88 -29.67
C GLU C 175 11.82 3.17 -30.94
N SER C 176 11.11 3.29 -32.06
CA SER C 176 11.72 3.61 -33.34
C SER C 176 12.19 5.07 -33.30
N SER C 177 11.38 5.90 -32.63
CA SER C 177 11.64 7.34 -32.49
C SER C 177 12.78 7.69 -31.52
N GLY C 178 13.43 6.68 -30.95
CA GLY C 178 14.51 6.93 -30.00
C GLY C 178 13.94 7.08 -28.60
N ARG C 179 12.62 7.03 -28.51
CA ARG C 179 11.88 7.17 -27.27
C ARG C 179 11.93 5.92 -26.38
N ILE C 180 11.48 6.10 -25.14
CA ILE C 180 11.44 5.05 -24.12
C ILE C 180 10.09 5.09 -23.39
N VAL C 181 9.13 4.27 -23.81
CA VAL C 181 7.85 4.23 -23.14
C VAL C 181 8.02 3.32 -21.93
N SER C 182 7.82 3.88 -20.73
CA SER C 182 7.95 3.13 -19.47
C SER C 182 6.63 2.72 -18.85
N LEU C 183 6.56 1.48 -18.36
CA LEU C 183 5.32 0.98 -17.75
C LEU C 183 5.57 0.39 -16.37
N GLN C 184 4.51 0.32 -15.57
CA GLN C 184 4.62 -0.20 -14.22
C GLN C 184 3.30 -0.78 -13.76
N THR C 185 3.39 -1.86 -12.96
CA THR C 185 2.23 -2.55 -12.40
C THR C 185 2.53 -3.08 -11.02
N ALA C 186 1.50 -3.13 -10.20
CA ALA C 186 1.66 -3.64 -8.86
C ALA C 186 0.71 -4.79 -8.62
N SER C 187 1.23 -5.84 -7.98
CA SER C 187 0.44 -7.03 -7.65
C SER C 187 -0.49 -6.61 -6.54
N ASN C 188 -1.41 -7.48 -6.17
CA ASN C 188 -2.31 -7.19 -5.06
C ASN C 188 -1.44 -7.20 -3.81
N PRO C 189 -1.93 -6.62 -2.71
CA PRO C 189 -1.09 -6.64 -1.51
C PRO C 189 -0.84 -8.04 -0.94
N ILE C 190 0.37 -8.26 -0.44
CA ILE C 190 0.80 -9.54 0.14
C ILE C 190 1.11 -9.29 1.60
N GLU C 191 0.57 -10.12 2.49
CA GLU C 191 0.86 -9.97 3.91
C GLU C 191 2.12 -10.74 4.24
N CYS C 192 3.19 -10.03 4.58
CA CYS C 192 4.47 -10.65 4.89
C CYS C 192 4.82 -10.93 6.36
N SER C 193 3.83 -10.95 7.23
CA SER C 193 4.10 -11.21 8.64
C SER C 193 3.41 -12.50 9.03
N GLN C 194 4.15 -13.33 9.77
CA GLN C 194 3.65 -14.62 10.24
C GLN C 194 2.40 -14.43 11.08
N ARG C 195 2.57 -13.69 12.16
CA ARG C 195 1.49 -13.46 13.09
C ARG C 195 0.27 -12.79 12.47
N SER C 196 0.50 -11.64 11.82
CA SER C 196 -0.58 -10.89 11.20
C SER C 196 -1.31 -11.75 10.16
N ALA C 197 -0.59 -12.68 9.56
CA ALA C 197 -1.21 -13.58 8.59
C ALA C 197 -2.22 -14.43 9.33
N HIS C 198 -1.94 -14.70 10.59
CA HIS C 198 -2.83 -15.51 11.41
C HIS C 198 -3.89 -14.64 12.10
N GLU C 199 -3.50 -13.44 12.52
CA GLU C 199 -4.37 -12.52 13.26
C GLU C 199 -5.34 -11.56 12.54
N LEU C 200 -4.82 -10.78 11.59
CA LEU C 200 -5.59 -9.78 10.85
C LEU C 200 -6.53 -10.26 9.75
N PRO C 201 -7.79 -9.78 9.76
CA PRO C 201 -8.74 -10.20 8.70
C PRO C 201 -8.26 -9.47 7.44
N MET C 202 -8.69 -9.90 6.27
CA MET C 202 -8.22 -9.26 5.05
C MET C 202 -9.25 -9.45 3.93
N VAL C 203 -9.63 -8.36 3.26
CA VAL C 203 -10.60 -8.46 2.18
C VAL C 203 -9.84 -8.62 0.86
N GLU C 204 -10.28 -9.56 0.04
CA GLU C 204 -9.65 -9.79 -1.24
C GLU C 204 -10.67 -9.48 -2.32
N ARG C 205 -11.95 -9.47 -1.95
CA ARG C 205 -13.00 -9.20 -2.91
C ARG C 205 -14.23 -8.57 -2.32
N GLN C 206 -14.86 -7.70 -3.10
CA GLN C 206 -16.10 -7.03 -2.73
C GLN C 206 -17.14 -7.37 -3.76
N ASP C 207 -18.36 -7.54 -3.32
CA ASP C 207 -19.47 -7.83 -4.20
C ASP C 207 -19.69 -6.59 -5.08
N THR C 208 -19.90 -5.46 -4.40
CA THR C 208 -20.13 -4.16 -5.03
C THR C 208 -19.26 -3.08 -4.43
N ASP C 209 -18.99 -2.06 -5.24
CA ASP C 209 -18.17 -0.94 -4.80
C ASP C 209 -19.03 0.28 -4.54
N SER C 210 -20.34 0.14 -4.74
CA SER C 210 -21.24 1.27 -4.60
C SER C 210 -22.72 0.89 -4.47
N CYS C 211 -23.55 1.90 -4.24
CA CYS C 211 -25.01 1.78 -4.14
C CYS C 211 -25.57 3.14 -3.74
N LEU C 212 -26.88 3.32 -3.79
CA LEU C 212 -27.44 4.60 -3.40
C LEU C 212 -27.69 4.77 -1.89
N VAL C 213 -27.76 6.01 -1.44
CA VAL C 213 -27.93 6.37 -0.03
C VAL C 213 -28.72 5.45 0.87
N TYR C 214 -29.70 4.76 0.31
CA TYR C 214 -30.53 3.87 1.13
C TYR C 214 -29.81 2.65 1.74
N GLY C 215 -28.78 2.14 1.05
CA GLY C 215 -28.04 0.99 1.54
C GLY C 215 -28.95 -0.22 1.52
N GLY C 216 -28.87 -1.05 2.56
CA GLY C 216 -29.70 -2.24 2.65
C GLY C 216 -29.28 -3.42 1.81
N GLN C 217 -28.84 -3.16 0.58
CA GLN C 217 -28.39 -4.21 -0.31
C GLN C 217 -27.30 -4.96 0.44
N GLN C 218 -27.14 -6.25 0.13
CA GLN C 218 -26.13 -7.07 0.80
C GLN C 218 -24.85 -7.16 -0.04
N MET C 219 -23.72 -6.84 0.59
CA MET C 219 -22.41 -6.88 -0.04
C MET C 219 -21.71 -8.18 0.42
N ILE C 220 -21.12 -8.88 -0.52
CA ILE C 220 -20.41 -10.12 -0.26
C ILE C 220 -18.91 -9.88 -0.24
N LEU C 221 -18.32 -10.06 0.92
CA LEU C 221 -16.88 -9.90 1.11
C LEU C 221 -16.19 -11.26 1.04
N THR C 222 -15.02 -11.30 0.42
CA THR C 222 -14.26 -12.54 0.30
C THR C 222 -12.86 -12.20 0.80
N GLY C 223 -12.43 -12.85 1.86
CA GLY C 223 -11.09 -12.56 2.36
C GLY C 223 -10.42 -13.63 3.20
N GLN C 224 -9.48 -13.20 4.04
CA GLN C 224 -8.74 -14.08 4.93
C GLN C 224 -9.05 -13.74 6.39
N ASN C 225 -9.10 -14.77 7.22
CA ASN C 225 -9.33 -14.64 8.66
C ASN C 225 -10.65 -14.03 9.11
N PHE C 226 -11.75 -14.44 8.51
CA PHE C 226 -13.03 -13.91 8.94
C PHE C 226 -13.67 -14.84 9.97
N THR C 227 -13.55 -14.47 11.25
CA THR C 227 -14.10 -15.24 12.35
C THR C 227 -15.54 -14.75 12.61
N SER C 228 -15.94 -14.65 13.87
CA SER C 228 -17.28 -14.17 14.19
C SER C 228 -17.14 -12.94 15.04
N GLU C 229 -15.94 -12.73 15.57
CA GLU C 229 -15.64 -11.52 16.35
C GLU C 229 -15.68 -10.42 15.27
N SER C 230 -15.58 -10.88 14.02
CA SER C 230 -15.57 -10.07 12.81
C SER C 230 -16.76 -9.15 12.68
N LYS C 231 -16.46 -7.86 12.79
CA LYS C 231 -17.46 -6.82 12.66
C LYS C 231 -17.00 -5.91 11.51
N VAL C 232 -17.94 -5.35 10.76
CA VAL C 232 -17.62 -4.46 9.65
C VAL C 232 -18.07 -3.03 9.94
N VAL C 233 -17.17 -2.06 9.83
CA VAL C 233 -17.53 -0.66 10.11
C VAL C 233 -17.35 0.29 8.93
N PHE C 234 -18.33 1.17 8.73
CA PHE C 234 -18.31 2.16 7.66
C PHE C 234 -17.88 3.50 8.22
N THR C 235 -16.95 4.15 7.55
CA THR C 235 -16.46 5.43 8.03
C THR C 235 -16.39 6.54 6.96
N GLU C 236 -16.55 7.79 7.42
CA GLU C 236 -16.51 8.98 6.57
C GLU C 236 -15.30 9.80 6.98
N LYS C 237 -14.59 10.37 6.03
CA LYS C 237 -13.43 11.19 6.35
C LYS C 237 -13.34 12.44 5.49
N THR C 238 -12.98 13.57 6.10
CA THR C 238 -12.81 14.83 5.37
C THR C 238 -11.39 14.81 4.77
N THR C 239 -11.03 15.82 4.00
CA THR C 239 -9.70 15.89 3.39
C THR C 239 -8.58 16.06 4.43
N ASP C 240 -8.98 16.26 5.69
CA ASP C 240 -8.05 16.44 6.81
C ASP C 240 -7.85 15.13 7.56
N GLY C 241 -8.60 14.10 7.16
CA GLY C 241 -8.53 12.81 7.83
C GLY C 241 -9.44 12.83 9.06
N GLN C 242 -10.11 13.94 9.29
CA GLN C 242 -11.00 14.10 10.44
C GLN C 242 -12.27 13.31 10.15
N GLN C 243 -12.44 12.22 10.90
CA GLN C 243 -13.61 11.36 10.77
C GLN C 243 -14.88 12.04 11.30
N ILE C 244 -15.97 11.91 10.53
CA ILE C 244 -17.25 12.52 10.90
C ILE C 244 -18.39 11.50 10.95
N TRP C 245 -18.15 10.31 10.43
CA TRP C 245 -19.17 9.26 10.42
C TRP C 245 -18.59 7.91 10.75
N GLU C 246 -19.34 7.14 11.52
CA GLU C 246 -18.94 5.81 11.94
C GLU C 246 -20.25 5.07 12.11
N MET C 247 -20.35 3.93 11.45
CA MET C 247 -21.56 3.15 11.53
C MET C 247 -21.21 1.69 11.38
N GLU C 248 -21.69 0.91 12.33
CA GLU C 248 -21.47 -0.52 12.39
C GLU C 248 -22.53 -1.17 11.51
N ALA C 249 -22.10 -1.90 10.49
CA ALA C 249 -23.01 -2.57 9.57
C ALA C 249 -23.35 -3.93 10.09
N THR C 250 -24.63 -4.27 10.13
CA THR C 250 -25.00 -5.60 10.60
C THR C 250 -24.66 -6.63 9.50
N VAL C 251 -23.53 -7.31 9.68
CA VAL C 251 -23.09 -8.33 8.73
C VAL C 251 -23.70 -9.64 9.16
N ASP C 252 -24.36 -10.34 8.24
CA ASP C 252 -24.99 -11.62 8.57
C ASP C 252 -23.97 -12.67 9.02
N LYS C 253 -24.32 -13.38 10.09
CA LYS C 253 -23.45 -14.41 10.64
C LYS C 253 -24.29 -15.55 11.19
N ASP C 254 -24.08 -16.75 10.64
CA ASP C 254 -24.79 -17.95 11.06
C ASP C 254 -24.17 -19.14 10.36
N LYS C 255 -24.08 -19.03 9.03
CA LYS C 255 -23.50 -20.07 8.19
C LYS C 255 -22.99 -19.38 6.93
N SER C 256 -21.76 -19.68 6.54
CA SER C 256 -21.13 -19.07 5.37
C SER C 256 -19.84 -19.81 5.00
N GLN C 257 -18.69 -19.19 5.29
CA GLN C 257 -17.35 -19.74 5.04
C GLN C 257 -16.42 -18.91 5.90
N PRO C 258 -15.38 -19.51 6.51
CA PRO C 258 -14.42 -18.79 7.37
C PRO C 258 -13.63 -17.67 6.67
N ASN C 259 -14.08 -17.30 5.49
CA ASN C 259 -13.42 -16.27 4.71
C ASN C 259 -14.37 -15.59 3.73
N MET C 260 -15.64 -15.51 4.13
CA MET C 260 -16.65 -14.86 3.31
C MET C 260 -17.69 -14.24 4.24
N LEU C 261 -17.97 -12.96 4.05
CA LEU C 261 -18.94 -12.27 4.87
C LEU C 261 -20.05 -11.69 4.01
N PHE C 262 -21.28 -11.80 4.50
CA PHE C 262 -22.43 -11.28 3.78
C PHE C 262 -22.88 -10.05 4.56
N VAL C 263 -22.34 -8.90 4.17
CA VAL C 263 -22.66 -7.65 4.85
C VAL C 263 -23.91 -6.97 4.30
N GLU C 264 -24.67 -6.32 5.19
CA GLU C 264 -25.85 -5.57 4.78
C GLU C 264 -25.38 -4.12 4.86
N ILE C 265 -25.23 -3.50 3.69
CA ILE C 265 -24.76 -2.13 3.59
C ILE C 265 -25.67 -1.21 4.38
N PRO C 266 -25.08 -0.44 5.31
CA PRO C 266 -25.82 0.49 6.15
C PRO C 266 -26.31 1.70 5.38
N GLU C 267 -27.44 2.27 5.81
CA GLU C 267 -28.01 3.45 5.18
C GLU C 267 -27.05 4.63 5.44
N TYR C 268 -26.87 5.49 4.46
CA TYR C 268 -25.98 6.63 4.65
C TYR C 268 -26.61 7.67 5.59
N ARG C 269 -25.76 8.36 6.35
CA ARG C 269 -26.22 9.39 7.28
C ARG C 269 -27.12 10.42 6.59
N ASN C 270 -26.55 11.18 5.66
CA ASN C 270 -27.32 12.18 4.91
C ASN C 270 -27.89 11.57 3.65
N LYS C 271 -29.16 11.18 3.73
CA LYS C 271 -29.83 10.55 2.60
C LYS C 271 -30.27 11.55 1.50
N HIS C 272 -29.88 12.81 1.67
CA HIS C 272 -30.26 13.87 0.73
C HIS C 272 -29.09 14.43 -0.07
N ILE C 273 -28.04 13.65 -0.29
CA ILE C 273 -26.91 14.16 -1.05
C ILE C 273 -27.25 14.37 -2.53
N ARG C 274 -26.46 15.18 -3.20
CA ARG C 274 -26.68 15.47 -4.61
C ARG C 274 -25.49 14.97 -5.41
N THR C 275 -24.39 14.74 -4.70
CA THR C 275 -23.16 14.25 -5.29
C THR C 275 -22.81 12.97 -4.55
N PRO C 276 -22.36 11.92 -5.27
CA PRO C 276 -22.00 10.68 -4.60
C PRO C 276 -20.91 10.91 -3.53
N VAL C 277 -21.00 10.21 -2.39
CA VAL C 277 -20.02 10.35 -1.32
C VAL C 277 -19.14 9.12 -1.21
N LYS C 278 -17.86 9.34 -0.92
CA LYS C 278 -16.89 8.25 -0.78
C LYS C 278 -16.61 7.92 0.69
N VAL C 279 -17.01 6.71 1.08
CA VAL C 279 -16.82 6.22 2.43
C VAL C 279 -15.85 5.04 2.45
N ASN C 280 -15.60 4.50 3.63
CA ASN C 280 -14.73 3.35 3.78
C ASN C 280 -15.38 2.36 4.71
N PHE C 281 -14.86 1.15 4.71
CA PHE C 281 -15.33 0.13 5.61
C PHE C 281 -14.17 -0.82 5.87
N TYR C 282 -14.24 -1.51 7.00
CA TYR C 282 -13.20 -2.47 7.32
C TYR C 282 -13.77 -3.63 8.12
N VAL C 283 -13.07 -4.75 8.02
CA VAL C 283 -13.44 -5.95 8.76
C VAL C 283 -12.55 -5.87 9.98
N ILE C 284 -13.13 -6.11 11.15
CA ILE C 284 -12.37 -6.00 12.37
C ILE C 284 -12.64 -7.08 13.39
N ASN C 285 -11.56 -7.56 13.99
CA ASN C 285 -11.54 -8.58 15.06
C ASN C 285 -10.84 -7.94 16.26
N GLY C 286 -11.35 -8.16 17.46
CA GLY C 286 -10.72 -7.58 18.63
C GLY C 286 -10.61 -6.07 18.58
N LYS C 287 -9.39 -5.56 18.52
CA LYS C 287 -9.18 -4.12 18.50
C LYS C 287 -7.96 -3.78 17.66
N ARG C 288 -6.91 -4.57 17.83
CA ARG C 288 -5.69 -4.36 17.08
C ARG C 288 -5.60 -5.29 15.87
N LYS C 289 -6.76 -5.81 15.48
CA LYS C 289 -6.85 -6.70 14.33
C LYS C 289 -7.89 -6.19 13.34
N ARG C 290 -7.54 -5.16 12.57
CA ARG C 290 -8.48 -4.60 11.60
C ARG C 290 -7.85 -4.59 10.22
N SER C 291 -8.65 -4.84 9.21
CA SER C 291 -8.17 -4.86 7.84
C SER C 291 -7.98 -3.43 7.33
N GLN C 292 -7.10 -3.25 6.36
CA GLN C 292 -6.87 -1.95 5.74
C GLN C 292 -8.23 -1.46 5.24
N PRO C 293 -8.43 -0.14 5.18
CA PRO C 293 -9.70 0.42 4.72
C PRO C 293 -10.11 0.07 3.29
N GLN C 294 -11.35 -0.35 3.15
CA GLN C 294 -11.93 -0.71 1.88
C GLN C 294 -12.72 0.48 1.35
N HIS C 295 -12.93 0.51 0.04
CA HIS C 295 -13.64 1.62 -0.55
C HIS C 295 -15.09 1.34 -0.91
N PHE C 296 -15.95 2.30 -0.61
CA PHE C 296 -17.35 2.18 -0.95
C PHE C 296 -17.81 3.59 -1.32
N THR C 297 -18.98 3.69 -1.94
CA THR C 297 -19.48 5.00 -2.33
C THR C 297 -20.99 4.98 -2.50
N TYR C 298 -21.65 5.93 -1.83
CA TYR C 298 -23.10 6.03 -1.92
C TYR C 298 -23.48 7.01 -3.00
N HIS C 299 -24.53 6.69 -3.74
CA HIS C 299 -25.01 7.55 -4.82
C HIS C 299 -26.35 8.15 -4.45
N PRO C 300 -26.55 9.44 -4.75
CA PRO C 300 -27.80 10.10 -4.42
C PRO C 300 -28.92 9.58 -5.29
N VAL C 301 -30.14 9.77 -4.82
CA VAL C 301 -31.31 9.36 -5.57
C VAL C 301 -31.85 10.64 -6.24
N ARG D 3 -6.68 7.56 47.31
CA ARG D 3 -8.16 7.47 47.22
C ARG D 3 -8.54 6.93 45.84
N ARG D 4 -9.49 6.00 45.80
CA ARG D 4 -9.93 5.42 44.55
C ARG D 4 -10.30 6.47 43.50
N ILE D 5 -10.80 7.62 43.94
CA ILE D 5 -11.19 8.66 42.99
C ILE D 5 -10.03 9.47 42.47
N ARG D 6 -9.16 9.92 43.36
CA ARG D 6 -7.98 10.69 42.96
C ARG D 6 -7.18 9.89 41.93
N ARG D 7 -7.35 8.57 41.94
CA ARG D 7 -6.65 7.69 41.02
C ARG D 7 -7.31 7.49 39.66
N GLU D 8 -8.64 7.33 39.63
CA GLU D 8 -9.31 7.16 38.35
C GLU D 8 -9.20 8.47 37.56
N ARG D 9 -8.98 9.56 38.29
CA ARG D 9 -8.82 10.87 37.66
C ARG D 9 -7.42 10.98 37.07
N ASN D 10 -6.39 10.50 37.74
CA ASN D 10 -5.04 10.58 37.18
C ASN D 10 -4.98 9.64 35.97
N LYS D 11 -5.85 8.63 35.95
CA LYS D 11 -5.92 7.69 34.84
C LYS D 11 -6.31 8.55 33.65
N MET D 12 -7.44 9.25 33.76
CA MET D 12 -7.91 10.15 32.71
C MET D 12 -6.85 11.14 32.26
N ALA D 13 -6.28 11.89 33.19
CA ALA D 13 -5.27 12.87 32.85
C ALA D 13 -4.12 12.28 32.04
N ALA D 14 -3.83 11.01 32.25
CA ALA D 14 -2.76 10.34 31.52
C ALA D 14 -3.32 9.80 30.22
N ALA D 15 -4.58 9.43 30.22
CA ALA D 15 -5.20 8.92 29.00
C ALA D 15 -5.21 10.10 28.06
N LYS D 16 -5.82 11.19 28.53
CA LYS D 16 -5.92 12.43 27.81
C LYS D 16 -4.55 12.84 27.29
N SER D 17 -3.57 12.93 28.18
CA SER D 17 -2.25 13.33 27.76
C SER D 17 -1.65 12.44 26.66
N ARG D 18 -1.96 11.15 26.70
CA ARG D 18 -1.46 10.17 25.72
C ARG D 18 -2.19 10.26 24.38
N ASN D 19 -3.52 10.33 24.43
CA ASN D 19 -4.35 10.42 23.23
C ASN D 19 -4.04 11.71 22.48
N ARG D 20 -3.81 12.79 23.23
CA ARG D 20 -3.48 14.07 22.65
C ARG D 20 -2.18 13.95 21.82
N ARG D 21 -1.10 13.48 22.43
CA ARG D 21 0.15 13.33 21.71
C ARG D 21 0.05 12.32 20.55
N ARG D 22 -0.85 11.35 20.65
CA ARG D 22 -1.00 10.38 19.57
C ARG D 22 -1.74 11.00 18.39
N GLU D 23 -2.84 11.71 18.68
CA GLU D 23 -3.63 12.36 17.63
C GLU D 23 -2.74 13.32 16.84
N LEU D 24 -1.77 13.94 17.52
CA LEU D 24 -0.84 14.84 16.87
C LEU D 24 -0.05 14.12 15.80
N THR D 25 0.58 12.99 16.13
CA THR D 25 1.33 12.27 15.11
C THR D 25 0.36 11.79 14.05
N ASP D 26 -0.83 11.34 14.45
CA ASP D 26 -1.84 10.87 13.50
C ASP D 26 -2.28 12.01 12.57
N THR D 27 -2.04 13.25 12.99
CA THR D 27 -2.40 14.39 12.18
C THR D 27 -1.23 14.82 11.29
N LEU D 28 -0.02 14.80 11.81
CA LEU D 28 1.13 15.14 10.99
C LEU D 28 1.24 14.06 9.93
N GLN D 29 0.93 12.83 10.30
CA GLN D 29 1.00 11.71 9.38
C GLN D 29 -0.08 11.79 8.32
N ALA D 30 -1.22 12.38 8.65
CA ALA D 30 -2.31 12.50 7.69
C ALA D 30 -1.96 13.58 6.68
N GLU D 31 -1.31 14.62 7.17
CA GLU D 31 -0.91 15.73 6.33
C GLU D 31 0.09 15.24 5.30
N THR D 32 1.23 14.71 5.74
CA THR D 32 2.24 14.23 4.79
C THR D 32 1.62 13.28 3.78
N ASP D 33 0.77 12.39 4.23
CA ASP D 33 0.18 11.47 3.28
C ASP D 33 -0.73 12.11 2.24
N GLN D 34 -1.24 13.30 2.51
CA GLN D 34 -2.06 13.97 1.52
C GLN D 34 -1.13 14.81 0.65
N LEU D 35 -0.01 15.26 1.19
CA LEU D 35 0.91 16.04 0.39
C LEU D 35 1.59 15.12 -0.61
N GLU D 36 1.86 13.89 -0.19
CA GLU D 36 2.50 12.93 -1.07
C GLU D 36 1.55 12.61 -2.22
N ASP D 37 0.25 12.71 -1.96
CA ASP D 37 -0.77 12.44 -2.98
C ASP D 37 -0.78 13.54 -4.02
N GLU D 38 -0.74 14.78 -3.54
CA GLU D 38 -0.72 15.95 -4.40
C GLU D 38 0.58 15.96 -5.16
N LYS D 39 1.63 15.45 -4.53
CA LYS D 39 2.90 15.44 -5.22
C LYS D 39 2.90 14.47 -6.40
N SER D 40 2.31 13.30 -6.24
CA SER D 40 2.31 12.37 -7.35
C SER D 40 1.38 12.86 -8.43
N ALA D 41 0.32 13.55 -8.05
CA ALA D 41 -0.64 14.06 -9.03
C ALA D 41 0.01 15.14 -9.91
N LEU D 42 0.84 15.98 -9.30
CA LEU D 42 1.55 17.02 -10.03
C LEU D 42 2.51 16.33 -10.96
N GLN D 43 3.34 15.45 -10.42
CA GLN D 43 4.31 14.69 -11.20
C GLN D 43 3.69 13.94 -12.36
N THR D 44 2.56 13.30 -12.16
CA THR D 44 1.96 12.55 -13.27
C THR D 44 1.52 13.58 -14.30
N GLU D 45 0.98 14.70 -13.81
CA GLU D 45 0.52 15.78 -14.65
C GLU D 45 1.67 16.31 -15.49
N ILE D 46 2.82 16.51 -14.87
CA ILE D 46 3.99 17.00 -15.58
C ILE D 46 4.39 16.03 -16.68
N ALA D 47 4.48 14.74 -16.37
CA ALA D 47 4.84 13.77 -17.40
C ALA D 47 3.85 13.71 -18.55
N ASN D 48 2.60 14.13 -18.29
CA ASN D 48 1.59 14.13 -19.34
C ASN D 48 1.79 15.33 -20.26
N LEU D 49 2.01 16.49 -19.65
CA LEU D 49 2.25 17.73 -20.40
C LEU D 49 3.51 17.52 -21.25
N LEU D 50 4.51 16.85 -20.69
CA LEU D 50 5.75 16.61 -21.42
C LEU D 50 5.54 15.66 -22.59
N LYS D 51 4.56 14.78 -22.49
CA LYS D 51 4.30 13.86 -23.58
C LYS D 51 3.73 14.72 -24.71
N GLU D 52 2.84 15.65 -24.34
CA GLU D 52 2.20 16.57 -25.29
C GLU D 52 3.23 17.52 -25.93
N LYS D 53 4.19 17.98 -25.15
CA LYS D 53 5.21 18.88 -25.67
C LYS D 53 6.03 18.22 -26.74
N GLU D 54 6.17 16.90 -26.66
CA GLU D 54 6.91 16.15 -27.67
C GLU D 54 6.06 15.93 -28.91
N LYS D 55 4.75 16.15 -28.76
CA LYS D 55 3.78 16.02 -29.84
C LYS D 55 3.78 14.59 -30.40
N ARG E 5 20.13 -6.39 35.25
CA ARG E 5 18.98 -5.89 36.06
C ARG E 5 17.79 -5.66 35.13
N LYS E 6 16.82 -6.56 35.14
CA LYS E 6 15.64 -6.45 34.28
C LYS E 6 14.86 -5.13 34.45
N ARG E 7 14.66 -4.74 35.69
CA ARG E 7 13.94 -3.50 35.98
C ARG E 7 14.66 -2.30 35.34
N MET E 8 15.98 -2.42 35.22
CA MET E 8 16.80 -1.38 34.63
C MET E 8 16.78 -1.45 33.10
N ARG E 9 16.68 -2.66 32.56
CA ARG E 9 16.64 -2.85 31.10
C ARG E 9 15.32 -2.37 30.49
N ASN E 10 14.24 -2.49 31.25
CA ASN E 10 12.92 -2.06 30.80
C ASN E 10 12.83 -0.53 30.90
N ARG E 11 13.52 0.01 31.90
CA ARG E 11 13.56 1.45 32.15
C ARG E 11 14.12 2.15 30.91
N ILE E 12 15.17 1.57 30.33
CA ILE E 12 15.81 2.13 29.14
C ILE E 12 14.93 1.93 27.94
N ALA E 13 14.27 0.78 27.88
CA ALA E 13 13.41 0.49 26.75
C ALA E 13 12.34 1.57 26.66
N ALA E 14 11.74 1.90 27.81
CA ALA E 14 10.69 2.92 27.87
C ALA E 14 11.27 4.31 27.64
N SER E 15 12.50 4.51 28.08
CA SER E 15 13.17 5.77 27.89
C SER E 15 13.35 6.01 26.39
N LYS E 16 13.74 4.96 25.69
CA LYS E 16 13.97 4.98 24.24
C LYS E 16 12.66 5.10 23.46
N SER E 17 11.65 4.37 23.90
CA SER E 17 10.35 4.35 23.28
C SER E 17 9.72 5.75 23.31
N ARG E 18 9.95 6.49 24.38
CA ARG E 18 9.42 7.85 24.54
C ARG E 18 10.19 8.82 23.63
N LYS E 19 11.51 8.73 23.67
CA LYS E 19 12.39 9.55 22.85
C LYS E 19 12.03 9.33 21.37
N ARG E 20 11.66 8.12 21.02
CA ARG E 20 11.32 7.73 19.64
C ARG E 20 10.06 8.46 19.19
N LYS E 21 9.06 8.63 20.04
CA LYS E 21 7.84 9.34 19.66
C LYS E 21 8.15 10.80 19.32
N LEU E 22 9.16 11.34 19.99
CA LEU E 22 9.59 12.71 19.77
C LEU E 22 10.21 12.87 18.39
N GLU E 23 11.24 12.07 18.13
CA GLU E 23 11.94 12.16 16.87
C GLU E 23 10.97 11.98 15.72
N ARG E 24 9.99 11.10 15.89
CA ARG E 24 9.02 10.86 14.83
C ARG E 24 8.18 12.09 14.52
N ILE E 25 7.67 12.74 15.56
CA ILE E 25 6.86 13.93 15.36
C ILE E 25 7.71 15.00 14.70
N ALA E 26 8.98 15.05 15.08
CA ALA E 26 9.88 16.02 14.51
C ALA E 26 10.16 15.73 13.02
N ARG E 27 10.48 14.48 12.71
CA ARG E 27 10.78 14.08 11.34
C ARG E 27 9.60 14.39 10.40
N LEU E 28 8.38 14.21 10.91
CA LEU E 28 7.17 14.49 10.14
C LEU E 28 6.95 15.98 9.89
N GLU E 29 7.43 16.82 10.80
CA GLU E 29 7.31 18.26 10.65
C GLU E 29 8.26 18.73 9.55
N GLU E 30 9.52 18.31 9.66
CA GLU E 30 10.53 18.65 8.65
C GLU E 30 10.06 18.13 7.30
N LYS E 31 9.33 17.01 7.32
CA LYS E 31 8.81 16.41 6.11
C LYS E 31 7.69 17.25 5.55
N VAL E 32 6.78 17.67 6.41
CA VAL E 32 5.67 18.51 5.94
C VAL E 32 6.17 19.80 5.31
N LYS E 33 7.21 20.39 5.89
CA LYS E 33 7.77 21.62 5.33
C LYS E 33 8.22 21.37 3.89
N THR E 34 9.14 20.44 3.71
CA THR E 34 9.69 20.10 2.40
C THR E 34 8.63 19.77 1.37
N LEU E 35 7.63 18.98 1.75
CA LEU E 35 6.60 18.63 0.78
C LEU E 35 5.85 19.84 0.25
N LYS E 36 5.50 20.76 1.14
CA LYS E 36 4.79 21.97 0.72
C LYS E 36 5.66 22.77 -0.25
N ALA E 37 6.97 22.75 -0.02
CA ALA E 37 7.93 23.45 -0.87
C ALA E 37 8.01 22.81 -2.27
N GLN E 38 8.24 21.49 -2.30
CA GLN E 38 8.33 20.74 -3.55
C GLN E 38 7.05 20.84 -4.33
N ASN E 39 5.92 20.80 -3.64
CA ASN E 39 4.64 20.92 -4.32
C ASN E 39 4.50 22.30 -4.94
N SER E 40 5.07 23.31 -4.29
CA SER E 40 5.03 24.66 -4.81
C SER E 40 5.80 24.69 -6.12
N GLU E 41 7.07 24.29 -6.07
CA GLU E 41 7.88 24.27 -7.28
C GLU E 41 7.21 23.45 -8.38
N LEU E 42 6.68 22.30 -8.00
CA LEU E 42 6.03 21.43 -8.96
C LEU E 42 4.78 22.08 -9.53
N ALA E 43 4.12 22.92 -8.74
CA ALA E 43 2.90 23.57 -9.21
C ALA E 43 3.29 24.56 -10.29
N SER E 44 4.46 25.16 -10.13
CA SER E 44 4.96 26.13 -11.11
C SER E 44 5.31 25.40 -12.37
N THR E 45 6.17 24.40 -12.26
CA THR E 45 6.56 23.64 -13.43
C THR E 45 5.33 23.18 -14.21
N ALA E 46 4.32 22.72 -13.48
CA ALA E 46 3.10 22.30 -14.14
C ALA E 46 2.49 23.47 -14.90
N ASN E 47 2.60 24.68 -14.37
CA ASN E 47 2.04 25.86 -15.04
C ASN E 47 2.86 26.39 -16.22
N MET E 48 4.18 26.29 -16.13
CA MET E 48 5.05 26.72 -17.20
C MET E 48 4.68 25.82 -18.37
N LEU E 49 4.88 24.52 -18.18
CA LEU E 49 4.56 23.56 -19.23
C LEU E 49 3.13 23.70 -19.71
N ARG E 50 2.22 24.08 -18.83
CA ARG E 50 0.83 24.20 -19.23
C ARG E 50 0.67 25.28 -20.30
N GLU E 51 1.30 26.44 -20.08
CA GLU E 51 1.25 27.56 -21.02
C GLU E 51 1.83 27.15 -22.36
N GLN E 52 3.09 26.72 -22.34
CA GLN E 52 3.79 26.27 -23.54
C GLN E 52 2.93 25.34 -24.42
N VAL E 53 2.50 24.21 -23.87
CA VAL E 53 1.68 23.27 -24.62
C VAL E 53 0.49 23.99 -25.29
N ALA E 54 -0.15 24.89 -24.57
CA ALA E 54 -1.30 25.61 -25.12
C ALA E 54 -0.94 26.46 -26.35
N GLN E 55 0.31 26.89 -26.45
CA GLN E 55 0.74 27.71 -27.57
C GLN E 55 1.46 26.96 -28.70
N LEU E 56 1.50 25.63 -28.62
CA LEU E 56 2.14 24.84 -29.67
C LEU E 56 1.19 24.50 -30.83
#